data_8KH3
#
_entry.id   8KH3
#
_cell.length_a   50.968
_cell.length_b   57.553
_cell.length_c   91.516
_cell.angle_alpha   90.00
_cell.angle_beta   90.00
_cell.angle_gamma   90.00
#
_symmetry.space_group_name_H-M   'P 21 21 21'
#
loop_
_entity.id
_entity.type
_entity.pdbx_description
1 polymer 'Kemp Eliminase HG3.17'
2 non-polymer 1H-benzotriazole-5-carbonitrile
3 non-polymer 'SULFATE ION'
4 water water
#
_entity_poly.entity_id   1
_entity_poly.type   'polypeptide(L)'
_entity_poly.pdbx_seq_one_letter_code
;MAEAAQSIDQLIKARGKVYFGVATDQNRLTTGKNAAIIKADFGMVWPENSMQWDATEPSQGNFNFAGADYLVNWAQQNGK
LIGAGCLVWHNFLPSWVSSITDKNTLINVMKNHITTLMTRYKGKIRTWDVVGEAFNEDGSLRQNVFLNVIGEDYIPIAFQ
TARAADPNAKLYIMDYNLDSASYPKTQAIVNRVKQWRAAGVPIDGIGSQMHLSAGQGAGVLQALPLLASAGTPEVSILML
DVAGASPTDYVNVVNACLNVQSCVGITVMGVADPDSAFASSTPLLFDGNFNPKPAYNAIVQDLQQGSIEGRGHHHHHH
;
_entity_poly.pdbx_strand_id   A
#
loop_
_chem_comp.id
_chem_comp.type
_chem_comp.name
_chem_comp.formula
SO4 non-polymer 'SULFATE ION' 'O4 S -2'
VWF non-polymer 1H-benzotriazole-5-carbonitrile 'C7 H4 N4'
#
# COMPACT_ATOMS: atom_id res chain seq x y z
N GLN A 6 -4.35 2.32 24.51
CA GLN A 6 -3.06 2.78 23.99
C GLN A 6 -3.07 2.82 22.47
N SER A 7 -2.31 3.75 21.90
CA SER A 7 -2.25 3.95 20.46
C SER A 7 -0.98 3.33 19.88
N ILE A 8 -1.13 2.33 19.00
CA ILE A 8 0.03 1.69 18.40
C ILE A 8 0.78 2.65 17.48
N ASP A 9 0.10 3.67 16.92
CA ASP A 9 0.79 4.70 16.14
C ASP A 9 1.70 5.54 17.03
N GLN A 10 1.17 6.03 18.16
CA GLN A 10 1.99 6.78 19.10
C GLN A 10 3.18 5.95 19.57
N LEU A 11 2.94 4.69 19.89
CA LEU A 11 4.02 3.85 20.40
C LEU A 11 5.06 3.53 19.32
N ILE A 12 4.63 3.30 18.08
CA ILE A 12 5.64 2.98 17.06
C ILE A 12 6.41 4.24 16.69
N LYS A 13 5.78 5.41 16.76
CA LYS A 13 6.51 6.67 16.56
C LYS A 13 7.57 6.85 17.63
N ALA A 14 7.23 6.54 18.87
CA ALA A 14 8.20 6.68 19.95
C ALA A 14 9.41 5.77 19.74
N ARG A 15 9.25 4.68 19.00
CA ARG A 15 10.37 3.80 18.69
C ARG A 15 11.16 4.24 17.46
N GLY A 16 10.77 5.35 16.84
CA GLY A 16 11.53 5.90 15.73
C GLY A 16 10.94 5.67 14.36
N LYS A 17 9.76 5.09 14.27
CA LYS A 17 9.11 4.86 12.99
C LYS A 17 8.18 6.03 12.65
N VAL A 18 7.68 6.02 11.42
CA VAL A 18 6.90 7.15 10.93
C VAL A 18 5.42 7.00 11.29
N TYR A 19 4.84 5.80 11.18
CA TYR A 19 3.41 5.68 11.40
C TYR A 19 3.01 4.23 11.63
N PHE A 20 1.82 4.07 12.21
CA PHE A 20 1.00 2.88 12.08
C PHE A 20 -0.29 3.33 11.40
N GLY A 21 -0.62 2.75 10.24
CA GLY A 21 -1.69 3.23 9.40
C GLY A 21 -2.79 2.19 9.17
N VAL A 22 -3.85 2.62 8.49
CA VAL A 22 -4.98 1.75 8.20
C VAL A 22 -5.59 2.17 6.87
N ALA A 23 -6.07 1.19 6.10
CA ALA A 23 -6.86 1.45 4.91
C ALA A 23 -8.31 1.68 5.29
N THR A 24 -8.93 2.70 4.70
CA THR A 24 -10.29 3.07 5.05
C THR A 24 -10.91 3.83 3.88
N ASP A 25 -12.09 4.41 4.10
CA ASP A 25 -12.80 5.21 3.09
C ASP A 25 -14.06 5.77 3.75
N GLN A 26 -14.80 6.58 2.98
CA GLN A 26 -16.02 7.19 3.49
C GLN A 26 -17.00 6.16 4.04
N ASN A 27 -17.10 4.99 3.40
CA ASN A 27 -18.06 3.98 3.84
C ASN A 27 -17.77 3.54 5.28
N ARG A 28 -16.50 3.45 5.66
CA ARG A 28 -16.15 3.10 7.03
C ARG A 28 -16.11 4.30 7.96
N LEU A 29 -15.64 5.46 7.48
CA LEU A 29 -15.49 6.62 8.36
C LEU A 29 -16.83 7.16 8.82
N THR A 30 -17.93 6.76 8.18
CA THR A 30 -19.27 7.22 8.56
C THR A 30 -20.09 6.15 9.26
N THR A 31 -19.50 5.03 9.68
CA THR A 31 -20.23 3.94 10.30
C THR A 31 -19.43 3.36 11.46
N GLY A 32 -20.14 2.66 12.36
CA GLY A 32 -19.51 1.99 13.48
C GLY A 32 -18.65 2.91 14.33
N LYS A 33 -17.53 2.36 14.82
CA LYS A 33 -16.59 3.13 15.62
C LYS A 33 -15.28 3.40 14.89
N ASN A 34 -15.29 3.29 13.55
CA ASN A 34 -14.06 3.37 12.77
C ASN A 34 -13.38 4.72 12.93
N ALA A 35 -14.14 5.81 12.78
CA ALA A 35 -13.58 7.15 12.92
C ALA A 35 -12.90 7.31 14.29
N ALA A 36 -13.58 6.89 15.36
CA ALA A 36 -13.03 7.05 16.69
C ALA A 36 -11.75 6.25 16.85
N ILE A 37 -11.73 5.01 16.36
CA ILE A 37 -10.54 4.19 16.48
C ILE A 37 -9.40 4.76 15.65
N ILE A 38 -9.70 5.24 14.44
CA ILE A 38 -8.65 5.73 13.57
C ILE A 38 -8.06 7.02 14.12
N LYS A 39 -8.92 7.92 14.62
CA LYS A 39 -8.44 9.11 15.33
C LYS A 39 -7.49 8.72 16.45
N ALA A 40 -7.88 7.75 17.27
CA ALA A 40 -7.13 7.48 18.50
C ALA A 40 -5.86 6.67 18.25
N ASP A 41 -5.90 5.71 17.32
CA ASP A 41 -4.90 4.66 17.29
C ASP A 41 -3.98 4.66 16.07
N PHE A 42 -4.30 5.42 15.02
CA PHE A 42 -3.59 5.30 13.76
C PHE A 42 -3.15 6.69 13.26
N GLY A 43 -1.96 6.76 12.66
CA GLY A 43 -1.45 8.07 12.25
C GLY A 43 -1.43 8.32 10.76
N MET A 44 -1.97 7.39 9.96
CA MET A 44 -1.93 7.51 8.51
C MET A 44 -3.09 6.70 7.94
N VAL A 45 -3.71 7.20 6.86
CA VAL A 45 -4.81 6.49 6.23
C VAL A 45 -4.57 6.40 4.73
N TRP A 46 -5.12 5.34 4.14
CA TRP A 46 -5.11 5.05 2.71
C TRP A 46 -6.56 4.83 2.28
N PRO A 47 -6.97 5.39 1.14
CA PRO A 47 -8.29 5.01 0.60
C PRO A 47 -8.26 3.59 0.04
N GLU A 48 -9.15 2.75 0.53
CA GLU A 48 -9.06 1.35 0.08
C GLU A 48 -9.54 1.22 -1.37
N ASN A 49 -10.52 2.05 -1.82
CA ASN A 49 -11.09 1.89 -3.16
C ASN A 49 -11.24 3.21 -3.91
N SER A 50 -11.44 4.32 -3.19
CA SER A 50 -11.88 5.56 -3.83
C SER A 50 -10.80 6.24 -4.68
N MET A 51 -9.56 5.78 -4.61
CA MET A 51 -8.51 6.33 -5.47
C MET A 51 -8.11 5.38 -6.59
N GLN A 52 -8.73 4.21 -6.71
CA GLN A 52 -8.38 3.30 -7.79
C GLN A 52 -8.91 3.83 -9.12
N TRP A 53 -8.46 3.21 -10.20
CA TRP A 53 -8.76 3.72 -11.54
C TRP A 53 -10.26 3.67 -11.83
N ASP A 54 -10.90 2.54 -11.49
CA ASP A 54 -12.34 2.39 -11.68
C ASP A 54 -13.10 3.55 -11.08
N ALA A 55 -12.75 3.92 -9.85
CA ALA A 55 -13.47 4.97 -9.14
C ALA A 55 -13.12 6.35 -9.68
N THR A 56 -11.83 6.61 -9.94
CA THR A 56 -11.41 7.99 -10.21
C THR A 56 -11.59 8.38 -11.67
N GLU A 57 -11.45 7.45 -12.63
CA GLU A 57 -11.59 7.80 -14.04
C GLU A 57 -12.41 6.72 -14.74
N PRO A 58 -13.72 6.65 -14.42
CA PRO A 58 -14.56 5.56 -14.97
C PRO A 58 -14.82 5.73 -16.47
N SER A 59 -14.72 6.95 -16.98
CA SER A 59 -14.64 7.21 -18.41
C SER A 59 -13.41 8.08 -18.63
N GLN A 60 -12.73 7.86 -19.75
CA GLN A 60 -11.50 8.57 -20.02
C GLN A 60 -11.71 10.08 -19.93
N GLY A 61 -10.86 10.75 -19.15
CA GLY A 61 -10.91 12.19 -19.00
C GLY A 61 -12.10 12.73 -18.24
N ASN A 62 -12.93 11.84 -17.67
CA ASN A 62 -14.12 12.20 -16.91
C ASN A 62 -13.87 11.71 -15.49
N PHE A 63 -13.22 12.53 -14.67
CA PHE A 63 -12.77 12.05 -13.38
C PHE A 63 -13.87 12.19 -12.31
N ASN A 64 -13.72 11.41 -11.25
CA ASN A 64 -14.71 11.35 -10.17
C ASN A 64 -13.92 11.30 -8.86
N PHE A 65 -13.90 12.42 -8.15
CA PHE A 65 -13.01 12.61 -7.01
C PHE A 65 -13.73 12.76 -5.67
N ALA A 66 -15.06 12.65 -5.64
CA ALA A 66 -15.77 12.97 -4.39
C ALA A 66 -15.32 12.05 -3.26
N GLY A 67 -15.27 10.75 -3.52
CA GLY A 67 -14.91 9.82 -2.46
C GLY A 67 -13.47 9.98 -2.01
N ALA A 68 -12.57 10.20 -2.96
CA ALA A 68 -11.17 10.40 -2.57
C ALA A 68 -11.02 11.74 -1.84
N ASP A 69 -11.70 12.79 -2.31
CA ASP A 69 -11.72 14.08 -1.62
C ASP A 69 -12.18 13.92 -0.17
N TYR A 70 -13.20 13.09 0.05
CA TYR A 70 -13.69 12.87 1.41
C TYR A 70 -12.57 12.35 2.30
N LEU A 71 -11.86 11.33 1.81
CA LEU A 71 -10.79 10.72 2.61
C LEU A 71 -9.67 11.71 2.88
N VAL A 72 -9.19 12.38 1.84
CA VAL A 72 -8.11 13.35 1.99
C VAL A 72 -8.50 14.44 2.98
N ASN A 73 -9.70 15.00 2.83
CA ASN A 73 -10.15 16.05 3.74
C ASN A 73 -10.30 15.52 5.17
N TRP A 74 -10.87 14.32 5.35
CA TRP A 74 -10.98 13.75 6.69
C TRP A 74 -9.61 13.60 7.33
N ALA A 75 -8.63 13.09 6.56
CA ALA A 75 -7.28 12.92 7.09
C ALA A 75 -6.68 14.26 7.52
N GLN A 76 -6.75 15.28 6.64
CA GLN A 76 -6.19 16.59 6.99
C GLN A 76 -6.86 17.18 8.22
N GLN A 77 -8.19 17.08 8.30
CA GLN A 77 -8.90 17.61 9.45
C GLN A 77 -8.49 16.91 10.74
N ASN A 78 -8.10 15.64 10.65
CA ASN A 78 -7.73 14.89 11.85
C ASN A 78 -6.24 14.67 11.96
N GLY A 79 -5.44 15.39 11.17
CA GLY A 79 -4.00 15.36 11.36
C GLY A 79 -3.35 14.04 11.01
N LYS A 80 -3.87 13.32 10.04
CA LYS A 80 -3.33 12.03 9.63
C LYS A 80 -2.51 12.19 8.36
N LEU A 81 -1.41 11.46 8.28
CA LEU A 81 -0.69 11.32 7.03
C LEU A 81 -1.58 10.57 6.03
N ILE A 82 -1.28 10.72 4.74
CA ILE A 82 -2.11 10.12 3.69
C ILE A 82 -1.23 9.33 2.74
N GLY A 83 -1.60 8.07 2.51
CA GLY A 83 -1.09 7.32 1.38
C GLY A 83 -2.20 7.13 0.37
N ALA A 84 -1.86 6.88 -0.90
CA ALA A 84 -2.90 6.74 -1.91
C ALA A 84 -2.41 5.89 -3.07
N GLY A 85 -3.35 5.34 -3.81
CA GLY A 85 -3.06 4.46 -4.92
C GLY A 85 -4.29 3.62 -5.22
N CYS A 86 -4.15 2.72 -6.20
CA CYS A 86 -2.89 2.47 -6.91
C CYS A 86 -3.00 3.03 -8.32
N LEU A 87 -1.99 3.79 -8.73
CA LEU A 87 -2.08 4.51 -10.00
C LEU A 87 -2.08 3.57 -11.21
N VAL A 88 -1.30 2.50 -11.15
CA VAL A 88 -1.14 1.58 -12.29
C VAL A 88 -1.08 0.14 -11.81
N TRP A 89 -2.18 -0.59 -11.92
CA TRP A 89 -2.14 -2.03 -11.74
C TRP A 89 -3.34 -2.63 -12.47
N HIS A 90 -3.40 -3.96 -12.48
CA HIS A 90 -4.42 -4.66 -13.23
C HIS A 90 -5.76 -4.73 -12.50
N ASN A 91 -5.79 -4.39 -11.21
CA ASN A 91 -7.04 -4.39 -10.45
C ASN A 91 -7.78 -3.06 -10.63
N PHE A 92 -9.10 -3.11 -10.50
CA PHE A 92 -9.96 -1.92 -10.58
C PHE A 92 -9.77 -1.18 -11.90
N LEU A 93 -9.52 -1.90 -12.98
CA LEU A 93 -9.13 -1.28 -14.24
C LEU A 93 -10.31 -1.24 -15.19
N PRO A 94 -10.78 -0.07 -15.59
CA PRO A 94 -11.89 0.00 -16.54
C PRO A 94 -11.55 -0.67 -17.86
N SER A 95 -12.56 -1.26 -18.48
CA SER A 95 -12.35 -1.92 -19.75
C SER A 95 -11.95 -0.93 -20.85
N TRP A 96 -12.27 0.37 -20.71
CA TRP A 96 -11.80 1.30 -21.73
C TRP A 96 -10.27 1.45 -21.71
N VAL A 97 -9.63 1.12 -20.59
CA VAL A 97 -8.17 1.12 -20.54
C VAL A 97 -7.61 -0.19 -21.07
N SER A 98 -8.11 -1.34 -20.57
CA SER A 98 -7.51 -2.60 -20.96
C SER A 98 -7.78 -2.96 -22.43
N SER A 99 -8.73 -2.29 -23.08
CA SER A 99 -8.97 -2.60 -24.49
C SER A 99 -8.11 -1.77 -25.44
N ILE A 100 -7.33 -0.81 -24.92
CA ILE A 100 -6.44 -0.02 -25.77
C ILE A 100 -5.32 -0.89 -26.32
N THR A 101 -5.08 -0.82 -27.63
CA THR A 101 -4.05 -1.62 -28.27
C THR A 101 -2.85 -0.80 -28.75
N ASP A 102 -2.99 0.52 -28.85
CA ASP A 102 -1.94 1.37 -29.39
C ASP A 102 -1.01 1.83 -28.28
N LYS A 103 0.30 1.68 -28.52
CA LYS A 103 1.30 1.97 -27.49
C LYS A 103 1.27 3.44 -27.11
N ASN A 104 1.39 4.34 -28.09
CA ASN A 104 1.40 5.77 -27.77
C ASN A 104 0.11 6.17 -27.06
N THR A 105 -1.03 5.61 -27.50
CA THR A 105 -2.31 5.92 -26.89
C THR A 105 -2.31 5.56 -25.40
N LEU A 106 -1.80 4.36 -25.08
CA LEU A 106 -1.85 3.89 -23.70
C LEU A 106 -0.85 4.63 -22.81
N ILE A 107 0.34 4.92 -23.35
CA ILE A 107 1.30 5.73 -22.59
C ILE A 107 0.66 7.04 -22.17
N ASN A 108 0.02 7.73 -23.13
CA ASN A 108 -0.59 9.02 -22.83
C ASN A 108 -1.75 8.90 -21.85
N VAL A 109 -2.56 7.84 -22.00
CA VAL A 109 -3.65 7.60 -21.05
C VAL A 109 -3.10 7.33 -19.66
N MET A 110 -2.03 6.53 -19.58
CA MET A 110 -1.47 6.21 -18.27
C MET A 110 -0.84 7.44 -17.63
N LYS A 111 -0.09 8.22 -18.42
CA LYS A 111 0.49 9.44 -17.88
C LYS A 111 -0.59 10.42 -17.43
N ASN A 112 -1.69 10.52 -18.19
CA ASN A 112 -2.72 11.48 -17.81
C ASN A 112 -3.42 11.04 -16.53
N HIS A 113 -3.65 9.74 -16.37
CA HIS A 113 -4.24 9.25 -15.12
C HIS A 113 -3.32 9.53 -13.94
N ILE A 114 -2.03 9.25 -14.10
CA ILE A 114 -1.05 9.51 -13.04
C ILE A 114 -1.03 10.99 -12.70
N THR A 115 -0.83 11.82 -13.72
CA THR A 115 -0.61 13.25 -13.50
C THR A 115 -1.84 13.93 -12.91
N THR A 116 -3.04 13.55 -13.36
CA THR A 116 -4.24 14.24 -12.90
C THR A 116 -4.51 13.95 -11.43
N LEU A 117 -4.45 12.68 -11.04
CA LEU A 117 -4.63 12.31 -9.64
C LEU A 117 -3.60 12.97 -8.74
N MET A 118 -2.32 12.88 -9.11
CA MET A 118 -1.28 13.42 -8.24
C MET A 118 -1.28 14.95 -8.21
N THR A 119 -1.62 15.59 -9.33
CA THR A 119 -1.67 17.05 -9.32
C THR A 119 -2.80 17.55 -8.43
N ARG A 120 -3.96 16.89 -8.47
CA ARG A 120 -5.09 17.32 -7.65
C ARG A 120 -4.72 17.34 -6.17
N TYR A 121 -3.93 16.37 -5.71
CA TYR A 121 -3.60 16.28 -4.29
C TYR A 121 -2.16 16.67 -4.01
N LYS A 122 -1.57 17.50 -4.87
CA LYS A 122 -0.14 17.77 -4.82
C LYS A 122 0.24 18.38 -3.47
N GLY A 123 1.31 17.87 -2.87
CA GLY A 123 1.76 18.34 -1.58
C GLY A 123 1.06 17.71 -0.39
N LYS A 124 -0.09 17.07 -0.58
CA LYS A 124 -0.88 16.54 0.52
C LYS A 124 -0.67 15.05 0.79
N ILE A 125 -0.03 14.33 -0.15
CA ILE A 125 0.08 12.87 -0.07
C ILE A 125 1.51 12.50 0.29
N ARG A 126 1.68 11.76 1.40
CA ARG A 126 3.02 11.33 1.79
C ARG A 126 3.54 10.26 0.85
N THR A 127 2.70 9.30 0.52
CA THR A 127 3.10 8.10 -0.21
C THR A 127 2.09 7.83 -1.31
N TRP A 128 2.58 7.61 -2.53
CA TRP A 128 1.77 7.15 -3.64
C TRP A 128 2.26 5.77 -4.05
N ASP A 129 1.36 4.81 -4.08
CA ASP A 129 1.65 3.51 -4.68
C ASP A 129 1.40 3.64 -6.18
N VAL A 130 2.50 3.79 -6.94
CA VAL A 130 2.42 4.11 -8.36
C VAL A 130 2.18 2.85 -9.19
N VAL A 131 2.93 1.77 -8.92
CA VAL A 131 2.80 0.52 -9.66
C VAL A 131 2.51 -0.60 -8.66
N GLY A 132 1.50 -1.40 -8.95
CA GLY A 132 1.12 -2.50 -8.07
C GLY A 132 1.02 -3.81 -8.82
N GLU A 133 1.31 -4.89 -8.09
CA GLU A 133 1.13 -6.27 -8.55
C GLU A 133 1.61 -6.48 -9.97
N ALA A 134 2.88 -6.12 -10.19
CA ALA A 134 3.49 -6.19 -11.52
C ALA A 134 4.20 -7.51 -11.80
N PHE A 135 4.28 -8.42 -10.83
CA PHE A 135 5.08 -9.62 -10.97
C PHE A 135 4.20 -10.86 -10.91
N ASN A 136 4.58 -11.87 -11.71
CA ASN A 136 4.04 -13.21 -11.55
C ASN A 136 4.75 -13.91 -10.39
N GLU A 137 4.21 -15.06 -9.98
CA GLU A 137 4.79 -15.76 -8.85
C GLU A 137 6.21 -16.25 -9.13
N ASP A 138 6.54 -16.53 -10.41
CA ASP A 138 7.89 -16.99 -10.69
C ASP A 138 8.88 -15.84 -10.83
N GLY A 139 8.43 -14.60 -10.70
CA GLY A 139 9.31 -13.47 -10.80
C GLY A 139 9.34 -12.78 -12.14
N SER A 140 8.73 -13.37 -13.17
CA SER A 140 8.55 -12.66 -14.42
C SER A 140 7.50 -11.56 -14.23
N LEU A 141 7.45 -10.63 -15.19
CA LEU A 141 6.48 -9.54 -15.12
C LEU A 141 5.09 -10.02 -15.51
N ARG A 142 4.10 -9.63 -14.72
CA ARG A 142 2.71 -9.99 -14.97
C ARG A 142 2.21 -9.35 -16.26
N GLN A 143 1.51 -10.14 -17.08
CA GLN A 143 1.02 -9.69 -18.38
C GLN A 143 -0.31 -8.97 -18.20
N ASN A 144 -0.25 -7.67 -17.97
CA ASN A 144 -1.42 -6.82 -17.96
C ASN A 144 -1.39 -5.97 -19.22
N VAL A 145 -2.37 -5.08 -19.37
CA VAL A 145 -2.47 -4.32 -20.62
C VAL A 145 -1.24 -3.45 -20.82
N PHE A 146 -0.70 -2.91 -19.74
CA PHE A 146 0.49 -2.08 -19.81
C PHE A 146 1.69 -2.86 -20.32
N LEU A 147 1.94 -4.04 -19.75
CA LEU A 147 3.01 -4.89 -20.28
C LEU A 147 2.71 -5.35 -21.70
N ASN A 148 1.45 -5.73 -21.97
CA ASN A 148 1.07 -6.24 -23.28
C ASN A 148 1.29 -5.22 -24.38
N VAL A 149 1.01 -3.95 -24.09
CA VAL A 149 0.92 -2.90 -25.09
C VAL A 149 2.14 -1.98 -25.07
N ILE A 150 2.60 -1.60 -23.88
CA ILE A 150 3.78 -0.75 -23.78
C ILE A 150 5.06 -1.57 -23.70
N GLY A 151 5.02 -2.70 -22.99
CA GLY A 151 6.22 -3.43 -22.65
C GLY A 151 6.76 -3.03 -21.29
N GLU A 152 7.92 -3.58 -20.95
CA GLU A 152 8.45 -3.39 -19.60
C GLU A 152 8.74 -1.92 -19.30
N ASP A 153 8.82 -1.06 -20.32
CA ASP A 153 9.09 0.35 -20.04
C ASP A 153 7.94 1.05 -19.34
N TYR A 154 6.77 0.42 -19.23
CA TYR A 154 5.64 1.12 -18.59
C TYR A 154 5.94 1.43 -17.13
N ILE A 155 6.80 0.64 -16.48
CA ILE A 155 7.08 0.88 -15.06
C ILE A 155 8.00 2.10 -14.93
N PRO A 156 9.17 2.16 -15.59
CA PRO A 156 9.94 3.42 -15.57
C PRO A 156 9.14 4.65 -15.97
N ILE A 157 8.33 4.56 -17.03
CA ILE A 157 7.53 5.70 -17.47
C ILE A 157 6.57 6.14 -16.36
N ALA A 158 5.92 5.18 -15.69
CA ALA A 158 4.95 5.54 -14.66
C ALA A 158 5.63 6.27 -13.49
N PHE A 159 6.77 5.76 -13.04
CA PHE A 159 7.48 6.44 -11.95
C PHE A 159 8.03 7.79 -12.40
N GLN A 160 8.62 7.86 -13.61
CA GLN A 160 9.08 9.15 -14.12
C GLN A 160 7.96 10.18 -14.12
N THR A 161 6.76 9.76 -14.56
CA THR A 161 5.63 10.68 -14.65
C THR A 161 5.16 11.11 -13.27
N ALA A 162 5.10 10.17 -12.33
CA ALA A 162 4.67 10.50 -10.97
C ALA A 162 5.64 11.47 -10.31
N ARG A 163 6.95 11.23 -10.45
CA ARG A 163 7.96 12.12 -9.86
C ARG A 163 7.81 13.54 -10.36
N ALA A 164 7.53 13.70 -11.67
CA ALA A 164 7.32 15.03 -12.25
C ALA A 164 6.04 15.67 -11.72
N ALA A 165 5.01 14.88 -11.38
CA ALA A 165 3.74 15.47 -10.95
C ALA A 165 3.80 16.00 -9.52
N ASP A 166 4.52 15.32 -8.62
CA ASP A 166 4.63 15.75 -7.23
C ASP A 166 5.95 15.22 -6.68
N PRO A 167 7.01 16.02 -6.73
CA PRO A 167 8.30 15.56 -6.18
C PRO A 167 8.31 15.37 -4.66
N ASN A 168 7.30 15.89 -3.96
CA ASN A 168 7.21 15.74 -2.51
C ASN A 168 6.76 14.36 -2.05
N ALA A 169 6.07 13.60 -2.90
CA ALA A 169 5.52 12.31 -2.50
C ALA A 169 6.59 11.22 -2.62
N LYS A 170 6.48 10.21 -1.77
CA LYS A 170 7.30 9.00 -1.88
C LYS A 170 6.60 8.02 -2.79
N LEU A 171 7.31 7.52 -3.80
CA LEU A 171 6.75 6.71 -4.86
C LEU A 171 7.09 5.24 -4.63
N TYR A 172 6.07 4.40 -4.50
CA TYR A 172 6.28 2.99 -4.20
C TYR A 172 5.88 2.10 -5.36
N ILE A 173 6.59 1.00 -5.50
CA ILE A 173 6.06 -0.20 -6.15
C ILE A 173 5.63 -1.14 -5.03
N MET A 174 4.54 -1.89 -5.24
CA MET A 174 4.06 -2.81 -4.22
C MET A 174 3.65 -4.13 -4.85
N ASP A 175 3.78 -5.21 -4.07
CA ASP A 175 3.29 -6.52 -4.52
C ASP A 175 3.02 -7.39 -3.31
N TYR A 176 2.29 -8.48 -3.55
CA TYR A 176 2.00 -9.46 -2.52
C TYR A 176 2.86 -10.71 -2.72
N ASN A 177 2.81 -11.60 -1.72
CA ASN A 177 3.60 -12.83 -1.70
C ASN A 177 5.09 -12.52 -1.77
N LEU A 178 5.49 -11.43 -1.11
CA LEU A 178 6.89 -11.11 -0.88
C LEU A 178 7.32 -11.49 0.54
N ASP A 179 6.73 -12.53 1.11
CA ASP A 179 6.83 -12.79 2.54
C ASP A 179 7.84 -13.87 2.91
N SER A 180 8.38 -14.58 1.92
CA SER A 180 9.39 -15.60 2.16
C SER A 180 10.65 -15.24 1.39
N ALA A 181 11.79 -15.19 2.08
CA ALA A 181 13.03 -14.80 1.45
C ALA A 181 13.51 -15.81 0.41
N SER A 182 13.05 -17.05 0.46
CA SER A 182 13.44 -18.03 -0.55
C SER A 182 12.49 -18.07 -1.75
N TYR A 183 11.36 -17.38 -1.68
CA TYR A 183 10.36 -17.45 -2.73
C TYR A 183 10.81 -16.67 -3.96
N PRO A 184 10.63 -17.20 -5.18
CA PRO A 184 11.18 -16.52 -6.37
C PRO A 184 10.68 -15.10 -6.58
N LYS A 185 9.40 -14.85 -6.27
CA LYS A 185 8.86 -13.51 -6.50
C LYS A 185 9.56 -12.47 -5.66
N THR A 186 10.03 -12.85 -4.46
CA THR A 186 10.66 -11.89 -3.57
C THR A 186 12.03 -11.47 -4.10
N GLN A 187 12.84 -12.43 -4.51
CA GLN A 187 14.16 -12.04 -5.01
C GLN A 187 14.04 -11.33 -6.36
N ALA A 188 13.02 -11.68 -7.15
CA ALA A 188 12.85 -11.03 -8.46
C ALA A 188 12.52 -9.55 -8.32
N ILE A 189 11.60 -9.18 -7.42
CA ILE A 189 11.29 -7.77 -7.30
C ILE A 189 12.49 -7.00 -6.76
N VAL A 190 13.29 -7.64 -5.90
CA VAL A 190 14.50 -7.01 -5.41
C VAL A 190 15.47 -6.79 -6.55
N ASN A 191 15.68 -7.82 -7.38
CA ASN A 191 16.59 -7.69 -8.51
C ASN A 191 16.11 -6.62 -9.48
N ARG A 192 14.80 -6.56 -9.74
CA ARG A 192 14.29 -5.56 -10.69
C ARG A 192 14.39 -4.15 -10.13
N VAL A 193 14.03 -3.96 -8.86
CA VAL A 193 14.07 -2.62 -8.30
C VAL A 193 15.50 -2.10 -8.23
N LYS A 194 16.45 -2.99 -7.91
CA LYS A 194 17.86 -2.61 -7.94
C LYS A 194 18.25 -2.02 -9.29
N GLN A 195 17.89 -2.71 -10.39
CA GLN A 195 18.26 -2.21 -11.72
C GLN A 195 17.53 -0.93 -12.06
N TRP A 196 16.23 -0.84 -11.73
CA TRP A 196 15.50 0.39 -12.00
C TRP A 196 16.13 1.58 -11.27
N ARG A 197 16.51 1.39 -10.01
CA ARG A 197 17.18 2.47 -9.28
C ARG A 197 18.56 2.79 -9.87
N ALA A 198 19.32 1.76 -10.24
CA ALA A 198 20.62 2.01 -10.89
C ALA A 198 20.46 2.84 -12.16
N ALA A 199 19.32 2.70 -12.84
CA ALA A 199 19.03 3.41 -14.07
C ALA A 199 18.35 4.76 -13.83
N GLY A 200 18.24 5.19 -12.57
CA GLY A 200 17.70 6.49 -12.24
C GLY A 200 16.19 6.54 -12.10
N VAL A 201 15.50 5.42 -12.20
CA VAL A 201 14.04 5.41 -12.05
C VAL A 201 13.69 5.80 -10.61
N PRO A 202 12.80 6.77 -10.39
CA PRO A 202 12.50 7.27 -9.03
C PRO A 202 11.54 6.39 -8.23
N ILE A 203 11.98 5.16 -7.91
CA ILE A 203 11.26 4.27 -7.00
C ILE A 203 11.78 4.54 -5.59
N ASP A 204 10.97 5.22 -4.78
CA ASP A 204 11.38 5.51 -3.42
C ASP A 204 11.12 4.36 -2.45
N GLY A 205 10.23 3.44 -2.79
CA GLY A 205 9.85 2.44 -1.82
C GLY A 205 9.37 1.15 -2.45
N ILE A 206 9.47 0.07 -1.67
CA ILE A 206 8.79 -1.18 -1.96
C ILE A 206 7.73 -1.39 -0.88
N GLY A 207 6.50 -1.62 -1.29
CA GLY A 207 5.42 -1.91 -0.39
C GLY A 207 5.10 -3.39 -0.43
N SER A 208 5.18 -4.04 0.72
CA SER A 208 4.86 -5.46 0.80
C SER A 208 3.41 -5.59 1.25
N GLN A 209 2.57 -6.10 0.36
CA GLN A 209 1.15 -6.35 0.65
C GLN A 209 1.05 -7.64 1.45
N MET A 210 0.95 -7.51 2.77
CA MET A 210 1.06 -8.66 3.66
C MET A 210 -0.31 -9.21 4.04
N HIS A 211 -0.98 -9.77 3.04
CA HIS A 211 -2.19 -10.54 3.27
C HIS A 211 -1.70 -11.95 3.62
N LEU A 212 -1.58 -12.22 4.93
CA LEU A 212 -0.81 -13.35 5.42
C LEU A 212 -1.70 -14.50 5.86
N SER A 213 -1.27 -15.71 5.55
CA SER A 213 -1.83 -16.84 6.25
C SER A 213 -1.14 -17.00 7.60
N ALA A 214 -1.82 -17.71 8.49
CA ALA A 214 -1.29 -17.95 9.82
C ALA A 214 0.12 -18.52 9.74
N GLY A 215 0.98 -18.10 10.67
CA GLY A 215 2.34 -18.57 10.74
C GLY A 215 3.32 -17.91 9.79
N GLN A 216 2.85 -17.09 8.84
CA GLN A 216 3.80 -16.47 7.94
C GLN A 216 4.55 -15.31 8.56
N GLY A 217 4.15 -14.86 9.74
CA GLY A 217 4.84 -13.74 10.37
C GLY A 217 6.32 -14.00 10.59
N ALA A 218 6.65 -15.24 10.95
CA ALA A 218 8.04 -15.60 11.24
C ALA A 218 8.96 -15.39 10.04
N GLY A 219 8.51 -15.77 8.84
CA GLY A 219 9.34 -15.59 7.65
C GLY A 219 9.55 -14.14 7.25
N VAL A 220 8.66 -13.24 7.67
CA VAL A 220 8.81 -11.83 7.36
C VAL A 220 10.07 -11.25 7.99
N LEU A 221 10.53 -11.84 9.11
CA LEU A 221 11.77 -11.38 9.74
C LEU A 221 12.97 -11.53 8.80
N GLN A 222 12.93 -12.48 7.88
CA GLN A 222 13.97 -12.55 6.84
C GLN A 222 13.56 -11.89 5.52
N ALA A 223 12.29 -11.97 5.14
CA ALA A 223 11.90 -11.42 3.84
C ALA A 223 11.96 -9.89 3.82
N LEU A 224 11.63 -9.23 4.94
CA LEU A 224 11.62 -7.77 4.92
C LEU A 224 13.02 -7.18 4.74
N PRO A 225 14.06 -7.64 5.44
CA PRO A 225 15.41 -7.11 5.14
C PRO A 225 15.89 -7.44 3.74
N LEU A 226 15.45 -8.57 3.17
CA LEU A 226 15.77 -8.88 1.78
C LEU A 226 15.16 -7.86 0.84
N LEU A 227 13.89 -7.51 1.03
CA LEU A 227 13.29 -6.43 0.25
C LEU A 227 14.06 -5.12 0.43
N ALA A 228 14.48 -4.82 1.66
CA ALA A 228 15.24 -3.60 1.89
C ALA A 228 16.58 -3.59 1.19
N SER A 229 17.12 -4.76 0.83
CA SER A 229 18.42 -4.78 0.16
C SER A 229 18.34 -4.26 -1.27
N ALA A 230 17.13 -4.12 -1.82
CA ALA A 230 17.01 -3.49 -3.13
C ALA A 230 17.44 -2.03 -3.08
N GLY A 231 17.54 -1.45 -1.89
CA GLY A 231 18.07 -0.12 -1.75
C GLY A 231 17.13 1.02 -2.07
N THR A 232 15.82 0.80 -1.97
CA THR A 232 14.92 1.95 -2.00
C THR A 232 15.07 2.76 -0.71
N PRO A 233 14.86 4.06 -0.78
CA PRO A 233 14.84 4.88 0.45
C PRO A 233 13.95 4.32 1.54
N GLU A 234 12.83 3.70 1.17
CA GLU A 234 11.87 3.19 2.14
C GLU A 234 11.38 1.82 1.72
N VAL A 235 10.90 1.06 2.70
CA VAL A 235 10.00 -0.06 2.46
C VAL A 235 8.85 0.11 3.43
N SER A 236 7.70 -0.46 3.09
CA SER A 236 6.52 -0.34 3.93
C SER A 236 5.79 -1.68 3.97
N ILE A 237 5.05 -1.86 5.05
CA ILE A 237 4.12 -2.98 5.19
C ILE A 237 2.71 -2.47 4.90
N LEU A 238 2.08 -3.05 3.89
CA LEU A 238 0.76 -2.63 3.42
C LEU A 238 -0.25 -3.77 3.51
N MET A 239 -1.54 -3.41 3.53
CA MET A 239 -2.64 -4.37 3.43
C MET A 239 -2.50 -5.50 4.44
N LEU A 240 -1.99 -5.18 5.63
CA LEU A 240 -1.66 -6.22 6.61
C LEU A 240 -2.94 -6.80 7.23
N ASP A 241 -3.11 -8.11 7.07
CA ASP A 241 -4.02 -8.89 7.90
C ASP A 241 -3.45 -10.30 8.00
N VAL A 242 -3.90 -11.06 9.01
CA VAL A 242 -3.36 -12.38 9.29
C VAL A 242 -4.52 -13.28 9.71
N ALA A 243 -4.73 -14.37 8.98
CA ALA A 243 -5.82 -15.29 9.28
C ALA A 243 -5.65 -15.87 10.69
N GLY A 244 -6.72 -15.78 11.49
CA GLY A 244 -6.64 -16.11 12.90
C GLY A 244 -6.16 -14.98 13.78
N ALA A 245 -5.47 -13.99 13.22
CA ALA A 245 -4.99 -12.83 13.96
C ALA A 245 -4.22 -13.21 15.23
N SER A 246 -3.33 -14.18 15.11
CA SER A 246 -2.61 -14.58 16.31
C SER A 246 -1.57 -13.52 16.67
N PRO A 247 -1.44 -13.17 17.95
CA PRO A 247 -0.39 -12.24 18.38
C PRO A 247 1.01 -12.63 17.93
N THR A 248 1.29 -13.93 17.81
CA THR A 248 2.61 -14.35 17.37
C THR A 248 2.94 -13.78 16.00
N ASP A 249 1.99 -13.89 15.06
CA ASP A 249 2.22 -13.35 13.71
C ASP A 249 2.36 -11.83 13.73
N TYR A 250 1.44 -11.13 14.40
CA TYR A 250 1.50 -9.68 14.41
C TYR A 250 2.75 -9.15 15.12
N VAL A 251 3.17 -9.79 16.22
CA VAL A 251 4.40 -9.34 16.88
C VAL A 251 5.61 -9.59 16.00
N ASN A 252 5.62 -10.72 15.27
CA ASN A 252 6.71 -10.98 14.33
C ASN A 252 6.78 -9.89 13.26
N VAL A 253 5.64 -9.50 12.70
CA VAL A 253 5.63 -8.48 11.66
C VAL A 253 6.13 -7.15 12.21
N VAL A 254 5.70 -6.80 13.42
CA VAL A 254 6.15 -5.54 14.02
C VAL A 254 7.66 -5.58 14.26
N ASN A 255 8.17 -6.69 14.80
CA ASN A 255 9.60 -6.83 15.03
C ASN A 255 10.38 -6.71 13.73
N ALA A 256 9.88 -7.29 12.65
CA ALA A 256 10.54 -7.11 11.37
C ALA A 256 10.63 -5.63 10.97
N CYS A 257 9.57 -4.84 11.18
CA CYS A 257 9.71 -3.46 10.74
C CYS A 257 10.65 -2.71 11.69
N LEU A 258 10.64 -3.04 12.99
CA LEU A 258 11.62 -2.45 13.92
C LEU A 258 13.05 -2.82 13.54
N ASN A 259 13.26 -4.02 12.99
CA ASN A 259 14.62 -4.46 12.62
C ASN A 259 15.15 -3.84 11.33
N VAL A 260 14.29 -3.30 10.47
CA VAL A 260 14.68 -2.83 9.13
C VAL A 260 14.64 -1.31 9.15
N GLN A 261 15.81 -0.67 9.04
CA GLN A 261 15.86 0.75 9.32
C GLN A 261 15.08 1.55 8.28
N SER A 262 14.99 1.05 7.05
CA SER A 262 14.24 1.75 6.02
C SER A 262 12.76 1.48 6.07
N CYS A 263 12.29 0.61 6.98
CA CYS A 263 10.86 0.37 7.06
C CYS A 263 10.19 1.51 7.84
N VAL A 264 9.41 2.34 7.15
CA VAL A 264 8.88 3.55 7.78
C VAL A 264 7.62 3.25 8.61
N GLY A 265 6.87 2.22 8.29
CA GLY A 265 5.63 2.02 9.03
C GLY A 265 4.85 0.83 8.52
N ILE A 266 3.72 0.59 9.18
CA ILE A 266 2.86 -0.56 8.92
C ILE A 266 1.44 -0.05 8.66
N THR A 267 0.78 -0.60 7.64
CA THR A 267 -0.62 -0.29 7.34
C THR A 267 -1.43 -1.58 7.38
N VAL A 268 -2.46 -1.63 8.24
CA VAL A 268 -3.36 -2.78 8.34
C VAL A 268 -4.50 -2.58 7.35
N MET A 269 -5.08 -3.69 6.87
CA MET A 269 -6.04 -3.64 5.77
C MET A 269 -7.40 -3.06 6.17
N GLY A 270 -7.73 -3.05 7.46
CA GLY A 270 -8.94 -2.42 7.92
C GLY A 270 -8.96 -2.40 9.43
N VAL A 271 -10.09 -1.97 9.99
CA VAL A 271 -10.19 -1.83 11.44
C VAL A 271 -10.74 -3.11 12.07
N ALA A 272 -11.99 -3.46 11.76
CA ALA A 272 -12.71 -4.49 12.50
C ALA A 272 -13.05 -5.68 11.60
N ASP A 273 -13.00 -6.89 12.17
CA ASP A 273 -13.12 -8.14 11.41
C ASP A 273 -14.27 -8.18 10.40
N PRO A 274 -15.52 -7.84 10.74
CA PRO A 274 -16.60 -8.02 9.75
C PRO A 274 -16.44 -7.14 8.52
N ASP A 275 -15.61 -6.10 8.57
CA ASP A 275 -15.35 -5.28 7.38
C ASP A 275 -14.17 -5.78 6.56
N SER A 276 -13.55 -6.90 6.94
CA SER A 276 -12.50 -7.48 6.12
C SER A 276 -13.10 -8.24 4.97
N ALA A 277 -12.45 -8.20 3.80
CA ALA A 277 -12.83 -9.10 2.72
C ALA A 277 -12.60 -10.57 3.10
N PHE A 278 -11.88 -10.82 4.17
CA PHE A 278 -11.61 -12.16 4.67
C PHE A 278 -12.15 -12.31 6.08
N ALA A 279 -13.37 -11.79 6.27
CA ALA A 279 -13.97 -11.70 7.60
C ALA A 279 -14.07 -13.07 8.27
N SER A 280 -14.34 -14.14 7.50
CA SER A 280 -14.49 -15.45 8.12
C SER A 280 -13.20 -15.95 8.74
N SER A 281 -12.06 -15.39 8.35
CA SER A 281 -10.79 -15.70 8.99
C SER A 281 -10.44 -14.75 10.13
N THR A 282 -11.35 -13.82 10.50
CA THR A 282 -11.20 -12.80 11.55
C THR A 282 -9.76 -12.32 11.66
N PRO A 283 -9.23 -11.65 10.62
CA PRO A 283 -7.78 -11.44 10.52
C PRO A 283 -7.27 -10.07 10.96
N LEU A 284 -8.12 -9.20 11.50
CA LEU A 284 -7.74 -7.83 11.84
C LEU A 284 -7.57 -7.68 13.36
N LEU A 285 -7.29 -6.44 13.78
CA LEU A 285 -6.88 -6.18 15.16
C LEU A 285 -8.05 -5.82 16.07
N PHE A 286 -9.21 -5.51 15.52
CA PHE A 286 -10.40 -5.19 16.29
C PHE A 286 -11.47 -6.20 15.92
N ASP A 287 -12.27 -6.62 16.90
CA ASP A 287 -13.26 -7.65 16.67
C ASP A 287 -14.56 -7.01 16.16
N GLY A 288 -15.60 -7.83 16.00
CA GLY A 288 -16.88 -7.37 15.48
C GLY A 288 -17.65 -6.45 16.39
N ASN A 289 -17.24 -6.31 17.65
CA ASN A 289 -17.78 -5.31 18.55
C ASN A 289 -16.93 -4.05 18.60
N PHE A 290 -15.95 -3.94 17.71
CA PHE A 290 -14.96 -2.85 17.67
C PHE A 290 -14.11 -2.81 18.93
N ASN A 291 -13.93 -3.97 19.59
CA ASN A 291 -13.01 -3.98 20.72
C ASN A 291 -11.64 -4.49 20.30
N PRO A 292 -10.55 -3.99 20.89
CA PRO A 292 -9.22 -4.49 20.51
C PRO A 292 -9.07 -5.94 20.89
N LYS A 293 -8.44 -6.69 20.01
CA LYS A 293 -8.23 -8.12 20.22
C LYS A 293 -6.88 -8.36 20.88
N PRO A 294 -6.60 -9.59 21.33
CA PRO A 294 -5.28 -9.86 21.90
C PRO A 294 -4.12 -9.43 21.02
N ALA A 295 -4.23 -9.56 19.69
CA ALA A 295 -3.13 -9.16 18.83
C ALA A 295 -2.87 -7.66 18.93
N TYR A 296 -3.92 -6.85 19.07
CA TYR A 296 -3.71 -5.42 19.28
C TYR A 296 -2.93 -5.17 20.58
N ASN A 297 -3.36 -5.80 21.67
CA ASN A 297 -2.69 -5.61 22.96
C ASN A 297 -1.24 -6.08 22.90
N ALA A 298 -0.98 -7.19 22.19
CA ALA A 298 0.39 -7.70 22.05
C ALA A 298 1.29 -6.70 21.33
N ILE A 299 0.76 -6.00 20.32
CA ILE A 299 1.56 -4.99 19.64
C ILE A 299 1.86 -3.84 20.58
N VAL A 300 0.84 -3.38 21.32
CA VAL A 300 1.06 -2.33 22.31
C VAL A 300 2.17 -2.74 23.27
N GLN A 301 2.05 -3.94 23.84
CA GLN A 301 3.01 -4.36 24.85
C GLN A 301 4.40 -4.51 24.27
N ASP A 302 4.49 -4.99 23.02
CA ASP A 302 5.78 -5.15 22.37
C ASP A 302 6.47 -3.81 22.14
N LEU A 303 5.69 -2.78 21.81
CA LEU A 303 6.28 -1.49 21.48
C LEU A 303 6.61 -0.66 22.72
N GLN A 304 5.97 -0.92 23.86
CA GLN A 304 6.21 -0.17 25.10
C GLN A 304 7.63 -0.34 25.62
CAB VWF B . -3.46 -0.52 2.08
CAC VWF B . -3.69 -0.17 0.74
CAD VWF B . -4.93 -0.42 0.18
CAE VWF B . -5.15 -0.06 -1.15
CAF VWF B . -4.17 0.50 -1.83
CAJ VWF B . -2.98 0.75 -1.30
CAK VWF B . -2.69 0.42 -0.03
NAA VWF B . -3.30 -0.82 3.14
NAG VWF B . -4.09 0.92 -3.09
NAH VWF B . -2.91 1.40 -3.28
NAI VWF B . -2.25 1.31 -2.27
S SO4 C . -13.55 20.19 -8.69
O1 SO4 C . -14.38 19.48 -7.70
O2 SO4 C . -14.29 21.29 -9.33
O3 SO4 C . -12.35 20.71 -8.01
O4 SO4 C . -13.13 19.23 -9.75
#